data_6XQ7
#
_entry.id   6XQ7
#
_cell.length_a   102.905
_cell.length_b   102.905
_cell.length_c   101.769
_cell.angle_alpha   90.000
_cell.angle_beta   90.000
_cell.angle_gamma   120.000
#
_symmetry.space_group_name_H-M   'P 62'
#
loop_
_entity.id
_entity.type
_entity.pdbx_description
1 polymer 'Advanced glycosylation end product-specific receptor'
2 non-polymer 'ACETATE ION'
3 non-polymer '5-bromo-3-methyl-1H-indole-2-carboxylic acid'
4 non-polymer 'CHLORIDE ION'
5 water water
#
_entity_poly.entity_id   1
_entity_poly.type   'polypeptide(L)'
_entity_poly.pdbx_seq_one_letter_code
;GAMAQNITARIGEPLVLKCKGAPKKPPQRLEWKLNTGRTEAWKVLSPQGGGPWDSVARVLPNGSLFLPAVGIQDEGIFRC
QAMNRNGKETKSNYRVRVYQIPGKPEIVDSASELTAGVPNKVGTCVSEGSYPAGTLSWHLDGKPLVPNEKGVSVKEQTRR
HPETGLFTLQSELMVTPARGGDPRPTFSCSFSPGLPRHRALRTAPIQPRVWE
;
_entity_poly.pdbx_strand_id   A,B
#
# COMPACT_ATOMS: atom_id res chain seq x y z
N GLY A 1 19.21 6.26 16.93
CA GLY A 1 17.88 6.63 17.43
C GLY A 1 17.16 5.47 18.09
N ALA A 2 15.82 5.48 18.03
CA ALA A 2 14.97 4.43 18.62
C ALA A 2 14.56 3.43 17.52
N MET A 3 13.91 2.33 17.93
CA MET A 3 13.39 1.37 16.96
C MET A 3 12.27 1.98 16.12
N ALA A 4 12.31 1.73 14.82
CA ALA A 4 11.35 2.34 13.93
C ALA A 4 10.96 1.38 12.82
N GLN A 5 9.81 1.66 12.22
CA GLN A 5 9.50 1.00 10.97
CA GLN A 5 9.47 1.00 10.96
C GLN A 5 10.19 1.72 9.83
N ASN A 6 10.99 1.00 9.05
CA ASN A 6 11.56 1.61 7.83
C ASN A 6 10.56 1.73 6.70
N ILE A 7 10.55 2.90 6.08
CA ILE A 7 9.63 3.21 5.00
C ILE A 7 10.49 3.65 3.85
N THR A 8 10.28 3.09 2.66
CA THR A 8 11.00 3.55 1.46
CA THR A 8 11.00 3.50 1.44
C THR A 8 9.97 4.19 0.53
N ALA A 9 10.22 5.45 0.18
CA ALA A 9 9.22 6.26 -0.47
C ALA A 9 9.80 6.78 -1.79
N ARG A 10 9.09 6.55 -2.88
CA ARG A 10 9.59 6.96 -4.18
C ARG A 10 9.36 8.44 -4.38
N ILE A 11 10.40 9.13 -4.88
CA ILE A 11 10.27 10.56 -5.12
C ILE A 11 9.12 10.86 -6.10
N GLY A 12 8.29 11.85 -5.72
CA GLY A 12 7.22 12.31 -6.56
C GLY A 12 5.89 11.63 -6.32
N GLU A 13 5.90 10.52 -5.55
CA GLU A 13 4.70 9.72 -5.21
CA GLU A 13 4.71 9.73 -5.20
C GLU A 13 4.18 10.15 -3.85
N PRO A 14 2.88 9.91 -3.60
CA PRO A 14 2.32 10.24 -2.29
C PRO A 14 2.81 9.25 -1.26
N LEU A 15 2.72 9.69 -0.02
CA LEU A 15 3.08 8.83 1.12
C LEU A 15 2.01 9.01 2.20
N VAL A 16 1.50 7.90 2.71
CA VAL A 16 0.54 7.95 3.83
C VAL A 16 1.19 7.17 4.99
N LEU A 17 1.33 7.82 6.13
CA LEU A 17 1.87 7.15 7.34
C LEU A 17 0.77 7.04 8.39
N LYS A 18 0.60 5.83 8.88
CA LYS A 18 -0.49 5.61 9.83
C LYS A 18 -0.15 6.07 11.25
N CYS A 19 -1.11 6.65 11.93
CA CYS A 19 -0.93 6.97 13.37
C CYS A 19 -1.58 5.85 14.21
N LYS A 20 -0.77 4.90 14.65
CA LYS A 20 -1.33 3.73 15.35
C LYS A 20 -2.07 4.15 16.60
N GLY A 21 -3.17 3.49 16.87
CA GLY A 21 -3.89 3.79 18.11
C GLY A 21 -4.75 5.04 18.06
N ALA A 22 -4.80 5.74 16.93
CA ALA A 22 -5.67 6.91 16.88
C ALA A 22 -7.12 6.45 16.75
N PRO A 23 -8.07 7.22 17.27
CA PRO A 23 -9.48 6.99 16.89
C PRO A 23 -9.67 7.08 15.38
N LYS A 24 -10.68 6.35 14.87
CA LYS A 24 -10.89 6.27 13.42
C LYS A 24 -11.31 7.59 12.78
N LYS A 25 -11.79 8.53 13.57
CA LYS A 25 -12.26 9.80 13.03
C LYS A 25 -12.25 10.82 14.15
N PRO A 26 -12.28 12.12 13.83
CA PRO A 26 -12.25 13.12 14.90
C PRO A 26 -13.45 12.96 15.81
N PRO A 27 -13.32 13.30 17.11
CA PRO A 27 -12.19 13.87 17.86
C PRO A 27 -11.03 12.92 18.16
N GLN A 28 -9.83 13.51 18.24
CA GLN A 28 -8.57 12.78 18.24
C GLN A 28 -7.51 13.58 18.96
N ARG A 29 -6.92 12.98 19.98
CA ARG A 29 -5.83 13.57 20.74
C ARG A 29 -4.58 12.94 20.13
N LEU A 30 -3.99 13.60 19.12
CA LEU A 30 -2.80 13.01 18.53
C LEU A 30 -1.90 14.12 18.02
N GLU A 31 -0.62 13.79 17.85
CA GLU A 31 0.31 14.80 17.37
C GLU A 31 1.40 14.10 16.58
N TRP A 32 1.78 14.64 15.41
CA TRP A 32 2.93 14.15 14.62
C TRP A 32 4.13 15.05 14.89
N LYS A 33 5.33 14.46 14.97
CA LYS A 33 6.58 15.19 15.02
C LYS A 33 7.50 14.68 13.94
N LEU A 34 8.17 15.60 13.20
CA LEU A 34 8.95 15.19 12.04
C LEU A 34 10.32 15.85 12.17
N ASN A 35 11.36 15.14 11.82
CA ASN A 35 12.70 15.77 11.71
C ASN A 35 13.27 15.29 10.39
N THR A 36 13.24 16.19 9.37
CA THR A 36 13.55 15.82 8.01
C THR A 36 14.45 16.89 7.40
N GLY A 37 14.76 16.73 6.14
CA GLY A 37 15.51 17.82 5.50
C GLY A 37 14.78 19.15 5.39
N ARG A 38 13.49 19.20 5.71
CA ARG A 38 12.74 20.45 5.72
C ARG A 38 12.70 21.14 7.08
N THR A 39 13.28 20.54 8.14
CA THR A 39 13.09 21.07 9.50
C THR A 39 14.42 21.43 10.14
N GLU A 40 14.36 22.40 11.06
CA GLU A 40 15.43 22.57 12.06
C GLU A 40 14.99 21.74 13.28
N ALA A 41 15.61 20.59 13.46
CA ALA A 41 15.19 19.70 14.59
C ALA A 41 13.70 19.29 14.45
N TRP A 42 12.95 19.16 15.55
CA TRP A 42 11.60 18.60 15.41
C TRP A 42 10.60 19.67 15.04
N LYS A 43 9.70 19.33 14.12
CA LYS A 43 8.50 20.12 13.80
C LYS A 43 7.28 19.34 14.26
N VAL A 44 6.35 20.01 14.96
CA VAL A 44 5.11 19.37 15.37
C VAL A 44 3.96 19.74 14.41
N LEU A 45 3.23 18.74 13.97
CA LEU A 45 2.04 18.89 13.12
C LEU A 45 0.82 18.36 13.84
N SER A 46 -0.28 19.10 13.75
CA SER A 46 -1.48 18.70 14.44
C SER A 46 -2.66 18.55 13.48
N PRO A 47 -3.74 17.90 13.92
CA PRO A 47 -4.90 17.73 13.03
C PRO A 47 -5.46 19.04 12.53
N GLN A 48 -5.35 20.14 13.31
CA GLN A 48 -5.88 21.41 12.79
C GLN A 48 -5.01 21.95 11.66
N GLY A 49 -3.71 21.63 11.67
CA GLY A 49 -2.86 22.10 10.59
C GLY A 49 -2.72 23.61 10.57
N GLY A 50 -2.48 24.15 9.38
CA GLY A 50 -2.29 25.57 9.22
C GLY A 50 -0.90 25.92 8.72
N GLY A 51 -0.79 27.10 8.11
CA GLY A 51 0.49 27.63 7.68
C GLY A 51 1.15 26.92 6.52
N PRO A 52 2.43 27.26 6.30
CA PRO A 52 3.19 26.72 5.18
C PRO A 52 3.23 25.21 5.12
N TRP A 53 3.25 24.53 6.27
CA TRP A 53 3.28 23.07 6.23
C TRP A 53 2.04 22.47 5.59
N ASP A 54 0.91 23.19 5.56
CA ASP A 54 -0.22 22.63 4.81
C ASP A 54 0.10 22.38 3.34
N SER A 55 1.12 23.05 2.78
CA SER A 55 1.49 22.74 1.39
C SER A 55 2.32 21.49 1.26
N VAL A 56 2.76 20.88 2.37
CA VAL A 56 3.72 19.79 2.35
C VAL A 56 3.14 18.52 2.94
N ALA A 57 2.53 18.62 4.14
CA ALA A 57 2.07 17.41 4.83
C ALA A 57 0.86 17.81 5.67
N ARG A 58 -0.20 16.99 5.64
CA ARG A 58 -1.38 17.29 6.44
C ARG A 58 -1.86 16.02 7.12
N VAL A 59 -2.53 16.21 8.24
CA VAL A 59 -3.12 15.09 8.98
C VAL A 59 -4.50 14.81 8.40
N LEU A 60 -4.76 13.56 8.06
CA LEU A 60 -6.03 13.16 7.43
C LEU A 60 -7.11 12.98 8.49
N PRO A 61 -8.38 12.81 8.07
CA PRO A 61 -9.45 12.52 9.04
C PRO A 61 -9.16 11.34 9.96
N ASN A 62 -8.54 10.27 9.46
CA ASN A 62 -8.24 9.12 10.29
C ASN A 62 -6.90 9.28 11.06
N GLY A 63 -6.31 10.48 11.02
CA GLY A 63 -5.11 10.68 11.83
C GLY A 63 -3.81 10.38 11.11
N SER A 64 -3.86 9.75 9.94
CA SER A 64 -2.63 9.47 9.19
C SER A 64 -2.03 10.78 8.65
N LEU A 65 -0.71 10.77 8.42
CA LEU A 65 -0.04 11.92 7.82
C LEU A 65 0.07 11.64 6.33
N PHE A 66 -0.25 12.66 5.53
CA PHE A 66 -0.25 12.55 4.08
C PHE A 66 0.68 13.59 3.46
N LEU A 67 1.61 13.10 2.63
CA LEU A 67 2.43 13.95 1.77
C LEU A 67 2.00 13.67 0.33
N PRO A 68 1.57 14.65 -0.42
CA PRO A 68 1.09 14.34 -1.80
C PRO A 68 2.18 13.98 -2.77
N ALA A 69 3.42 14.47 -2.56
CA ALA A 69 4.46 14.14 -3.51
C ALA A 69 5.79 14.28 -2.75
N VAL A 70 6.37 13.13 -2.37
CA VAL A 70 7.60 13.10 -1.59
C VAL A 70 8.76 13.69 -2.38
N GLY A 71 9.65 14.40 -1.67
CA GLY A 71 10.89 14.86 -2.28
C GLY A 71 12.10 14.41 -1.48
N ILE A 72 13.29 14.70 -2.03
CA ILE A 72 14.52 14.37 -1.29
C ILE A 72 14.50 14.93 0.11
N GLN A 73 13.97 16.15 0.28
CA GLN A 73 14.07 16.76 1.61
CA GLN A 73 14.07 16.77 1.62
C GLN A 73 13.14 16.11 2.63
N ASP A 74 12.25 15.21 2.20
CA ASP A 74 11.38 14.55 3.20
C ASP A 74 12.01 13.34 3.88
N GLU A 75 13.22 12.98 3.52
CA GLU A 75 13.96 11.95 4.24
CA GLU A 75 13.95 11.94 4.25
C GLU A 75 14.11 12.31 5.71
N GLY A 76 13.86 11.33 6.60
CA GLY A 76 14.05 11.68 8.00
C GLY A 76 13.16 10.83 8.91
N ILE A 77 12.80 11.38 10.06
CA ILE A 77 12.08 10.62 11.08
C ILE A 77 10.69 11.23 11.23
N PHE A 78 9.66 10.35 11.32
CA PHE A 78 8.29 10.82 11.46
C PHE A 78 7.68 10.04 12.64
N ARG A 79 7.10 10.71 13.62
CA ARG A 79 6.58 10.00 14.81
C ARG A 79 5.19 10.47 15.09
N CYS A 80 4.32 9.59 15.58
CA CYS A 80 2.99 10.05 15.97
C CYS A 80 2.80 9.62 17.41
N GLN A 81 2.05 10.41 18.17
CA GLN A 81 1.68 9.99 19.54
C GLN A 81 0.18 10.20 19.63
N ALA A 82 -0.56 9.16 20.03
CA ALA A 82 -2.02 9.26 20.13
C ALA A 82 -2.59 8.70 21.43
N MET A 83 -3.69 9.27 21.89
CA MET A 83 -4.46 8.67 23.02
C MET A 83 -5.82 8.23 22.44
N ASN A 84 -6.28 7.03 22.78
CA ASN A 84 -7.62 6.55 22.31
C ASN A 84 -8.74 7.05 23.23
N ARG A 85 -9.95 6.47 23.10
CA ARG A 85 -11.10 6.84 23.99
C ARG A 85 -10.80 6.50 25.46
N ASN A 86 -10.19 5.33 25.72
CA ASN A 86 -9.87 4.89 27.12
C ASN A 86 -8.66 5.63 27.70
N GLY A 87 -7.75 6.12 26.86
CA GLY A 87 -6.60 6.89 27.35
C GLY A 87 -5.27 6.19 27.15
N LYS A 88 -5.24 5.00 26.56
CA LYS A 88 -3.96 4.37 26.27
C LYS A 88 -3.22 5.23 25.24
N GLU A 89 -1.97 5.57 25.54
CA GLU A 89 -1.12 6.28 24.59
C GLU A 89 -0.39 5.26 23.72
N THR A 90 -0.29 5.57 22.42
CA THR A 90 0.38 4.69 21.48
C THR A 90 1.33 5.55 20.66
N LYS A 91 2.54 5.06 20.46
CA LYS A 91 3.56 5.76 19.68
C LYS A 91 3.75 5.03 18.37
N SER A 92 4.05 5.80 17.28
CA SER A 92 4.44 5.23 16.00
C SER A 92 5.74 5.90 15.61
N ASN A 93 6.69 5.14 15.14
CA ASN A 93 8.00 5.70 14.82
C ASN A 93 8.35 5.21 13.43
N TYR A 94 8.61 6.13 12.48
CA TYR A 94 8.93 5.76 11.11
C TYR A 94 10.26 6.42 10.69
N ARG A 95 11.10 5.67 10.02
CA ARG A 95 12.33 6.20 9.40
C ARG A 95 12.07 6.16 7.90
N VAL A 96 11.99 7.34 7.26
CA VAL A 96 11.60 7.44 5.86
C VAL A 96 12.87 7.70 5.03
N ARG A 97 13.09 6.83 4.06
CA ARG A 97 14.21 6.95 3.11
C ARG A 97 13.61 7.10 1.72
N VAL A 98 14.15 7.99 0.88
CA VAL A 98 13.48 8.23 -0.40
C VAL A 98 14.36 7.72 -1.51
N TYR A 99 13.73 7.42 -2.64
CA TYR A 99 14.48 6.89 -3.77
C TYR A 99 13.87 7.28 -5.11
N GLN A 100 14.69 7.12 -6.18
CA GLN A 100 14.16 7.21 -7.53
C GLN A 100 14.87 6.18 -8.39
N ILE A 101 14.14 5.62 -9.33
CA ILE A 101 14.66 4.57 -10.22
C ILE A 101 15.15 5.25 -11.50
N PRO A 102 16.39 5.02 -11.91
CA PRO A 102 16.90 5.66 -13.13
C PRO A 102 16.28 4.98 -14.35
N GLY A 103 16.49 5.61 -15.51
CA GLY A 103 16.18 4.94 -16.75
C GLY A 103 17.05 3.72 -16.92
N LYS A 104 16.64 2.86 -17.87
CA LYS A 104 17.44 1.71 -18.23
C LYS A 104 18.89 2.13 -18.50
N PRO A 105 19.88 1.41 -17.98
CA PRO A 105 21.26 1.78 -18.29
C PRO A 105 21.59 1.51 -19.76
N GLU A 106 22.58 2.26 -20.27
CA GLU A 106 22.94 2.12 -21.69
C GLU A 106 24.45 2.09 -21.82
N ILE A 107 24.98 1.39 -22.83
CA ILE A 107 26.40 1.47 -23.15
C ILE A 107 26.56 2.38 -24.36
N VAL A 108 27.43 3.39 -24.25
CA VAL A 108 27.81 4.27 -25.36
C VAL A 108 29.29 4.09 -25.72
N ASP A 109 29.61 4.40 -26.98
CA ASP A 109 30.98 4.39 -27.47
C ASP A 109 31.64 3.01 -27.33
N SER A 110 30.86 1.96 -27.61
CA SER A 110 31.42 0.62 -27.42
C SER A 110 32.39 0.28 -28.55
N ALA A 111 33.35 -0.56 -28.24
CA ALA A 111 34.33 -0.98 -29.23
C ALA A 111 33.73 -2.14 -30.03
N SER A 112 33.94 -2.11 -31.34
CA SER A 112 33.52 -3.26 -32.11
C SER A 112 34.64 -4.28 -32.30
N GLU A 113 35.90 -3.84 -32.19
CA GLU A 113 37.06 -4.73 -32.25
C GLU A 113 37.97 -4.44 -31.06
N LEU A 114 38.55 -5.52 -30.54
CA LEU A 114 39.53 -5.47 -29.46
C LEU A 114 40.80 -6.16 -29.91
N THR A 115 41.94 -5.69 -29.42
CA THR A 115 43.23 -6.28 -29.75
C THR A 115 43.86 -6.92 -28.51
N ALA A 116 44.22 -8.20 -28.62
CA ALA A 116 44.82 -8.94 -27.52
C ALA A 116 46.11 -8.26 -27.06
N GLY A 117 46.38 -8.37 -25.76
CA GLY A 117 47.67 -7.95 -25.23
C GLY A 117 47.90 -6.46 -25.16
N VAL A 118 46.93 -5.64 -25.53
CA VAL A 118 47.05 -4.20 -25.32
C VAL A 118 45.77 -3.75 -24.63
N PRO A 119 45.78 -2.58 -23.99
CA PRO A 119 44.53 -2.08 -23.42
C PRO A 119 43.61 -1.49 -24.48
N ASN A 120 42.32 -1.78 -24.33
CA ASN A 120 41.24 -1.39 -25.22
C ASN A 120 40.15 -0.76 -24.38
N LYS A 121 39.58 0.34 -24.84
CA LYS A 121 38.36 0.89 -24.24
C LYS A 121 37.16 0.10 -24.72
N VAL A 122 36.56 -0.72 -23.84
CA VAL A 122 35.42 -1.53 -24.25
C VAL A 122 34.18 -0.68 -24.46
N GLY A 123 33.90 0.26 -23.55
CA GLY A 123 32.70 1.04 -23.67
C GLY A 123 32.51 1.89 -22.44
N THR A 124 31.46 2.72 -22.49
CA THR A 124 31.08 3.53 -21.33
C THR A 124 29.62 3.25 -20.99
N CYS A 125 29.37 2.84 -19.77
CA CYS A 125 28.01 2.61 -19.32
C CYS A 125 27.49 3.88 -18.64
N VAL A 126 26.20 4.18 -18.84
CA VAL A 126 25.59 5.41 -18.34
C VAL A 126 24.23 5.11 -17.74
N SER A 127 23.95 5.68 -16.58
CA SER A 127 22.66 5.54 -15.92
CA SER A 127 22.66 5.54 -15.92
C SER A 127 22.22 6.92 -15.49
N GLU A 128 20.97 7.31 -15.80
CA GLU A 128 20.51 8.67 -15.53
C GLU A 128 19.27 8.63 -14.66
N GLY A 129 19.29 9.39 -13.57
CA GLY A 129 18.11 9.69 -12.81
C GLY A 129 17.87 8.90 -11.54
N SER A 130 18.94 8.45 -10.85
CA SER A 130 18.76 7.63 -9.64
C SER A 130 18.80 8.47 -8.37
N TYR A 131 18.19 7.93 -7.26
CA TYR A 131 18.42 8.50 -5.93
C TYR A 131 18.21 7.30 -5.02
N PRO A 132 19.12 7.03 -4.09
CA PRO A 132 20.48 7.56 -3.97
C PRO A 132 21.32 7.14 -5.19
N ALA A 133 22.61 7.47 -5.18
CA ALA A 133 23.37 7.32 -6.44
C ALA A 133 23.28 5.92 -7.01
N GLY A 134 23.49 4.88 -6.14
CA GLY A 134 23.64 3.53 -6.70
C GLY A 134 25.01 3.38 -7.39
N THR A 135 25.21 2.22 -8.02
CA THR A 135 26.53 1.90 -8.59
C THR A 135 26.38 1.16 -9.91
N LEU A 136 27.40 1.30 -10.76
CA LEU A 136 27.44 0.59 -12.04
C LEU A 136 28.50 -0.51 -11.98
N SER A 137 28.22 -1.66 -12.63
CA SER A 137 29.17 -2.78 -12.63
C SER A 137 29.20 -3.41 -14.01
N TRP A 138 30.35 -3.98 -14.37
CA TRP A 138 30.54 -4.65 -15.65
C TRP A 138 30.55 -6.16 -15.45
N HIS A 139 30.01 -6.87 -16.45
CA HIS A 139 29.92 -8.32 -16.47
C HIS A 139 30.46 -8.83 -17.80
N LEU A 140 31.15 -9.96 -17.75
CA LEU A 140 31.68 -10.66 -18.91
C LEU A 140 31.03 -12.03 -18.93
N ASP A 141 30.25 -12.30 -19.98
CA ASP A 141 29.58 -13.59 -20.15
C ASP A 141 28.79 -13.96 -18.88
N GLY A 142 28.20 -12.94 -18.26
CA GLY A 142 27.37 -13.13 -17.07
C GLY A 142 28.08 -12.99 -15.74
N LYS A 143 29.40 -13.09 -15.71
CA LYS A 143 30.11 -13.05 -14.44
C LYS A 143 30.60 -11.62 -14.17
N PRO A 144 30.46 -11.11 -12.94
CA PRO A 144 30.98 -9.77 -12.67
C PRO A 144 32.47 -9.71 -12.93
N LEU A 145 32.90 -8.56 -13.46
CA LEU A 145 34.30 -8.26 -13.73
C LEU A 145 34.84 -7.51 -12.51
N VAL A 146 36.00 -7.92 -12.01
CA VAL A 146 36.59 -7.30 -10.84
C VAL A 146 37.67 -6.33 -11.31
N PRO A 147 37.60 -5.05 -10.97
CA PRO A 147 38.62 -4.11 -11.48
C PRO A 147 39.98 -4.36 -10.85
N ASN A 148 41.02 -3.99 -11.60
CA ASN A 148 42.43 -4.09 -11.23
C ASN A 148 42.92 -5.53 -11.15
N GLU A 149 42.24 -6.47 -11.83
CA GLU A 149 42.62 -7.87 -11.85
C GLU A 149 42.33 -8.41 -13.25
N LYS A 150 43.27 -9.19 -13.79
CA LYS A 150 43.13 -9.83 -15.11
C LYS A 150 43.06 -8.80 -16.25
N GLY A 151 43.87 -7.75 -16.17
CA GLY A 151 43.85 -6.70 -17.18
C GLY A 151 42.55 -5.95 -17.28
N VAL A 152 41.83 -5.78 -16.18
CA VAL A 152 40.60 -5.01 -16.18
C VAL A 152 40.84 -3.70 -15.44
N SER A 153 40.34 -2.58 -15.98
CA SER A 153 40.40 -1.35 -15.22
C SER A 153 39.14 -0.54 -15.49
N VAL A 154 38.67 0.19 -14.49
CA VAL A 154 37.43 0.93 -14.61
C VAL A 154 37.67 2.34 -14.10
N LYS A 155 37.05 3.32 -14.77
CA LYS A 155 37.01 4.66 -14.19
C LYS A 155 35.56 5.11 -14.08
N GLU A 156 35.26 5.95 -13.09
CA GLU A 156 33.86 6.29 -12.86
C GLU A 156 33.66 7.78 -12.64
N GLN A 157 32.43 8.24 -12.91
CA GLN A 157 32.08 9.65 -12.80
C GLN A 157 30.65 9.80 -12.28
N THR A 158 30.40 10.79 -11.44
CA THR A 158 29.05 11.02 -10.85
C THR A 158 28.70 12.47 -11.09
N ARG A 159 27.49 12.76 -11.60
CA ARG A 159 27.02 14.13 -11.73
C ARG A 159 25.64 14.17 -11.10
N ARG A 160 25.20 15.36 -10.69
CA ARG A 160 23.80 15.50 -10.20
C ARG A 160 23.06 16.51 -11.07
N HIS A 161 21.76 16.28 -11.28
CA HIS A 161 20.96 17.24 -12.02
C HIS A 161 20.81 18.49 -11.16
N PRO A 162 21.06 19.69 -11.74
CA PRO A 162 21.13 20.91 -10.91
C PRO A 162 19.83 21.32 -10.29
N GLU A 163 18.69 20.85 -10.81
CA GLU A 163 17.38 21.18 -10.25
C GLU A 163 16.77 20.02 -9.45
N THR A 164 16.86 18.78 -9.95
CA THR A 164 16.20 17.67 -9.25
C THR A 164 17.08 16.95 -8.24
N GLY A 165 18.41 17.11 -8.32
CA GLY A 165 19.29 16.41 -7.41
C GLY A 165 19.50 14.96 -7.75
N LEU A 166 18.90 14.46 -8.84
CA LEU A 166 19.05 13.04 -9.18
C LEU A 166 20.43 12.80 -9.81
N PHE A 167 20.96 11.58 -9.60
CA PHE A 167 22.31 11.22 -10.05
C PHE A 167 22.38 10.64 -11.44
N THR A 168 23.44 11.03 -12.18
CA THR A 168 23.83 10.34 -13.41
C THR A 168 25.20 9.74 -13.16
N LEU A 169 25.36 8.44 -13.51
CA LEU A 169 26.62 7.73 -13.30
C LEU A 169 27.18 7.34 -14.65
N GLN A 170 28.52 7.35 -14.75
CA GLN A 170 29.14 6.87 -15.99
C GLN A 170 30.31 5.99 -15.57
N SER A 171 30.54 4.88 -16.29
CA SER A 171 31.59 3.93 -15.93
C SER A 171 32.25 3.46 -17.20
N GLU A 172 33.56 3.68 -17.32
CA GLU A 172 34.33 3.37 -18.52
C GLU A 172 35.14 2.13 -18.25
N LEU A 173 35.02 1.10 -19.11
CA LEU A 173 35.72 -0.18 -18.92
C LEU A 173 36.87 -0.25 -19.90
N MET A 174 38.06 -0.57 -19.42
CA MET A 174 39.21 -0.91 -20.28
C MET A 174 39.65 -2.32 -19.97
N VAL A 175 40.01 -3.09 -21.01
CA VAL A 175 40.47 -4.45 -20.80
C VAL A 175 41.69 -4.69 -21.66
N THR A 176 42.65 -5.42 -21.12
CA THR A 176 43.78 -5.92 -21.92
C THR A 176 43.54 -7.41 -22.07
N PRO A 177 42.90 -7.86 -23.17
CA PRO A 177 42.55 -9.28 -23.26
C PRO A 177 43.81 -10.13 -23.40
N ALA A 178 43.77 -11.30 -22.79
CA ALA A 178 44.93 -12.19 -22.85
C ALA A 178 44.88 -12.99 -24.13
N ARG A 179 46.06 -13.27 -24.68
CA ARG A 179 46.12 -14.10 -25.87
C ARG A 179 45.53 -15.48 -25.58
N GLY A 180 44.77 -16.02 -26.52
CA GLY A 180 44.19 -17.33 -26.38
C GLY A 180 42.77 -17.38 -25.87
N GLY A 181 42.10 -16.23 -25.73
CA GLY A 181 40.79 -16.19 -25.13
C GLY A 181 39.67 -16.32 -26.15
N ASP A 182 38.44 -16.23 -25.64
CA ASP A 182 37.26 -16.29 -26.48
C ASP A 182 37.30 -15.13 -27.46
N PRO A 183 37.18 -15.39 -28.77
CA PRO A 183 37.23 -14.27 -29.72
C PRO A 183 35.97 -13.45 -29.78
N ARG A 184 34.88 -13.88 -29.13
CA ARG A 184 33.60 -13.17 -29.20
C ARG A 184 33.00 -13.01 -27.79
N PRO A 185 33.70 -12.32 -26.88
CA PRO A 185 33.20 -12.18 -25.51
C PRO A 185 31.96 -11.31 -25.47
N THR A 186 31.14 -11.49 -24.43
CA THR A 186 29.92 -10.72 -24.27
C THR A 186 30.05 -9.88 -23.01
N PHE A 187 30.00 -8.56 -23.18
CA PHE A 187 30.05 -7.63 -22.04
C PHE A 187 28.67 -7.02 -21.78
N SER A 188 28.42 -6.71 -20.51
CA SER A 188 27.22 -5.96 -20.22
C SER A 188 27.49 -5.16 -18.95
N CYS A 189 26.60 -4.23 -18.69
CA CYS A 189 26.69 -3.35 -17.52
C CYS A 189 25.37 -3.40 -16.77
N SER A 190 25.45 -3.33 -15.43
CA SER A 190 24.27 -3.32 -14.60
C SER A 190 24.30 -2.16 -13.61
N PHE A 191 23.11 -1.60 -13.34
CA PHE A 191 22.91 -0.60 -12.29
C PHE A 191 22.32 -1.31 -11.06
N SER A 192 22.98 -1.12 -9.90
CA SER A 192 22.55 -1.65 -8.61
C SER A 192 22.09 -0.47 -7.76
N PRO A 193 20.81 -0.41 -7.39
CA PRO A 193 20.32 0.68 -6.55
C PRO A 193 20.97 0.69 -5.17
N GLY A 194 21.00 1.89 -4.58
CA GLY A 194 21.43 2.03 -3.19
C GLY A 194 20.52 1.36 -2.18
N LEU A 195 19.24 1.25 -2.47
CA LEU A 195 18.45 0.73 -1.36
C LEU A 195 18.27 -0.80 -1.46
N PRO A 196 18.10 -1.50 -0.32
CA PRO A 196 17.97 -2.97 -0.33
C PRO A 196 16.63 -3.45 -0.90
N ARG A 197 16.65 -4.67 -1.45
CA ARG A 197 15.52 -5.40 -2.05
C ARG A 197 15.03 -4.78 -3.37
N HIS A 198 15.72 -3.78 -3.91
CA HIS A 198 15.38 -3.25 -5.22
C HIS A 198 16.17 -4.00 -6.31
N ARG A 199 15.53 -4.21 -7.47
CA ARG A 199 16.12 -5.04 -8.52
C ARG A 199 17.23 -4.30 -9.27
N ALA A 200 18.26 -5.04 -9.69
CA ALA A 200 19.23 -4.43 -10.61
C ALA A 200 18.61 -4.23 -12.00
N LEU A 201 19.20 -3.31 -12.77
CA LEU A 201 18.83 -3.04 -14.15
C LEU A 201 20.04 -3.39 -15.00
N ARG A 202 19.84 -3.92 -16.20
CA ARG A 202 20.97 -4.39 -16.99
C ARG A 202 20.88 -3.83 -18.41
N THR A 203 22.06 -3.65 -19.05
CA THR A 203 22.08 -3.16 -20.42
C THR A 203 21.90 -4.33 -21.37
N ALA A 204 21.58 -4.01 -22.62
CA ALA A 204 21.79 -5.01 -23.65
C ALA A 204 23.29 -5.34 -23.74
N PRO A 205 23.64 -6.56 -24.13
CA PRO A 205 25.06 -6.92 -24.25
C PRO A 205 25.73 -6.31 -25.47
N ILE A 206 27.05 -6.27 -25.41
CA ILE A 206 27.85 -6.00 -26.60
C ILE A 206 28.81 -7.16 -26.79
N GLN A 207 29.10 -7.48 -28.05
CA GLN A 207 29.91 -8.65 -28.37
C GLN A 207 30.99 -8.22 -29.35
N PRO A 208 32.07 -7.59 -28.87
CA PRO A 208 33.15 -7.20 -29.77
C PRO A 208 33.91 -8.40 -30.28
N ARG A 209 34.74 -8.17 -31.32
CA ARG A 209 35.59 -9.20 -31.91
C ARG A 209 36.97 -9.01 -31.31
N VAL A 210 37.58 -10.09 -30.81
CA VAL A 210 38.96 -10.00 -30.37
C VAL A 210 39.90 -10.54 -31.42
N TRP A 211 40.88 -9.73 -31.81
CA TRP A 211 41.91 -10.09 -32.78
C TRP A 211 43.16 -10.55 -32.04
N GLU A 212 43.59 -11.78 -32.33
CA GLU A 212 44.86 -12.29 -31.85
C GLU A 212 46.04 -11.79 -32.70
N GLY B 1 -19.81 -5.10 -16.89
CA GLY B 1 -18.89 -4.06 -17.37
C GLY B 1 -17.66 -4.67 -18.01
N ALA B 2 -16.54 -3.95 -17.94
CA ALA B 2 -15.27 -4.40 -18.50
C ALA B 2 -14.37 -4.99 -17.41
N MET B 3 -13.23 -5.57 -17.82
CA MET B 3 -12.21 -6.09 -16.90
C MET B 3 -11.62 -4.97 -16.07
N ALA B 4 -11.51 -5.20 -14.76
CA ALA B 4 -11.05 -4.18 -13.84
C ALA B 4 -10.20 -4.78 -12.74
N GLN B 5 -9.36 -3.93 -12.14
CA GLN B 5 -8.72 -4.32 -10.90
C GLN B 5 -9.69 -4.10 -9.76
N ASN B 6 -9.81 -5.09 -8.89
CA ASN B 6 -10.92 -4.98 -7.95
C ASN B 6 -10.21 -4.29 -6.75
N ILE B 7 -10.79 -3.28 -6.09
CA ILE B 7 -10.14 -2.57 -4.98
C ILE B 7 -11.09 -2.64 -3.80
N THR B 8 -10.62 -3.00 -2.61
CA THR B 8 -11.46 -2.92 -1.43
C THR B 8 -10.92 -1.84 -0.51
N ALA B 9 -11.80 -0.93 -0.08
CA ALA B 9 -11.38 0.30 0.54
C ALA B 9 -12.15 0.41 1.86
N ARG B 10 -11.42 0.61 2.94
CA ARG B 10 -12.06 0.69 4.24
C ARG B 10 -12.65 2.07 4.43
N ILE B 11 -13.90 2.10 4.92
CA ILE B 11 -14.57 3.37 5.18
C ILE B 11 -13.75 4.22 6.14
N GLY B 12 -13.58 5.51 5.80
CA GLY B 12 -12.90 6.47 6.65
C GLY B 12 -11.40 6.60 6.38
N GLU B 13 -10.84 5.69 5.60
CA GLU B 13 -9.40 5.63 5.26
CA GLU B 13 -9.41 5.61 5.26
C GLU B 13 -9.18 6.26 3.91
N PRO B 14 -7.96 6.78 3.67
CA PRO B 14 -7.67 7.34 2.34
C PRO B 14 -7.55 6.25 1.31
N LEU B 15 -7.72 6.67 0.04
CA LEU B 15 -7.55 5.75 -1.05
C LEU B 15 -6.75 6.48 -2.12
N VAL B 16 -5.71 5.83 -2.67
CA VAL B 16 -4.93 6.36 -3.80
C VAL B 16 -5.06 5.34 -4.92
N LEU B 17 -5.52 5.79 -6.09
CA LEU B 17 -5.60 4.95 -7.29
C LEU B 17 -4.60 5.43 -8.33
N LYS B 18 -3.79 4.51 -8.86
CA LYS B 18 -2.74 4.88 -9.82
C LYS B 18 -3.31 5.12 -11.20
N CYS B 19 -2.82 6.16 -11.90
CA CYS B 19 -3.19 6.32 -13.32
C CYS B 19 -2.04 5.73 -14.14
N LYS B 20 -2.23 4.50 -14.62
CA LYS B 20 -1.15 3.78 -15.28
C LYS B 20 -0.73 4.52 -16.55
N GLY B 21 0.58 4.52 -16.81
CA GLY B 21 0.99 5.18 -18.05
C GLY B 21 1.08 6.69 -17.99
N ALA B 22 0.74 7.31 -16.86
CA ALA B 22 0.85 8.76 -16.79
C ALA B 22 2.31 9.16 -16.65
N PRO B 23 2.71 10.32 -17.19
CA PRO B 23 4.03 10.89 -16.82
C PRO B 23 4.14 11.07 -15.32
N LYS B 24 5.38 10.99 -14.81
CA LYS B 24 5.57 11.03 -13.35
C LYS B 24 5.26 12.38 -12.72
N LYS B 25 5.21 13.45 -13.49
CA LYS B 25 4.94 14.78 -12.97
C LYS B 25 4.37 15.60 -14.11
N PRO B 26 3.70 16.72 -13.82
CA PRO B 26 3.14 17.51 -14.92
C PRO B 26 4.25 18.01 -15.82
N PRO B 27 3.96 18.23 -17.13
CA PRO B 27 2.69 18.13 -17.88
C PRO B 27 2.20 16.69 -18.11
N GLN B 28 0.87 16.54 -18.18
CA GLN B 28 0.17 15.26 -18.18
C GLN B 28 -1.14 15.39 -18.91
N ARG B 29 -1.30 14.51 -19.88
CA ARG B 29 -2.55 14.45 -20.64
C ARG B 29 -3.30 13.26 -20.05
N LEU B 30 -4.12 13.54 -19.04
CA LEU B 30 -4.82 12.44 -18.37
C LEU B 30 -6.20 12.88 -17.91
N GLU B 31 -7.11 11.91 -17.80
CA GLU B 31 -8.48 12.20 -17.35
C GLU B 31 -8.99 11.04 -16.52
N TRP B 32 -9.61 11.35 -15.40
CA TRP B 32 -10.26 10.32 -14.55
C TRP B 32 -11.77 10.38 -14.82
N LYS B 33 -12.43 9.24 -14.86
CA LYS B 33 -13.91 9.18 -15.00
C LYS B 33 -14.44 8.29 -13.89
N LEU B 34 -15.47 8.72 -13.17
CA LEU B 34 -15.90 7.95 -12.02
C LEU B 34 -17.42 7.77 -12.15
N ASN B 35 -17.92 6.62 -11.77
CA ASN B 35 -19.39 6.44 -11.66
C ASN B 35 -19.62 5.76 -10.34
N THR B 36 -20.07 6.54 -9.34
CA THR B 36 -20.15 6.06 -7.97
C THR B 36 -21.48 6.49 -7.36
N GLY B 37 -21.63 6.19 -6.08
CA GLY B 37 -22.86 6.68 -5.42
C GLY B 37 -22.96 8.20 -5.32
N ARG B 38 -21.91 8.94 -5.67
CA ARG B 38 -21.93 10.39 -5.67
C ARG B 38 -22.30 11.00 -7.02
N THR B 39 -22.44 10.18 -8.09
CA THR B 39 -22.56 10.73 -9.45
C THR B 39 -23.87 10.32 -10.09
N GLU B 40 -24.33 11.16 -11.03
CA GLU B 40 -25.31 10.75 -12.04
C GLU B 40 -24.49 10.27 -13.26
N ALA B 41 -24.39 8.96 -13.42
CA ALA B 41 -23.57 8.42 -14.54
C ALA B 41 -22.09 8.87 -14.41
N TRP B 42 -21.38 9.16 -15.50
CA TRP B 42 -19.95 9.43 -15.37
C TRP B 42 -19.68 10.88 -15.01
N LYS B 43 -18.76 11.09 -14.09
CA LYS B 43 -18.17 12.39 -13.78
C LYS B 43 -16.71 12.37 -14.22
N VAL B 44 -16.27 13.41 -14.92
CA VAL B 44 -14.88 13.53 -15.33
C VAL B 44 -14.11 14.46 -14.39
N LEU B 45 -12.96 14.00 -13.93
CA LEU B 45 -12.02 14.77 -13.09
C LEU B 45 -10.69 14.97 -13.79
N SER B 46 -10.14 16.18 -13.71
CA SER B 46 -8.92 16.50 -14.42
C SER B 46 -7.86 17.01 -13.45
N PRO B 47 -6.60 17.04 -13.89
CA PRO B 47 -5.54 17.53 -13.00
C PRO B 47 -5.78 18.94 -12.50
N GLN B 48 -6.47 19.80 -13.28
CA GLN B 48 -6.72 21.15 -12.77
C GLN B 48 -7.75 21.15 -11.64
N GLY B 49 -8.66 20.16 -11.61
CA GLY B 49 -9.61 20.12 -10.53
C GLY B 49 -10.56 21.31 -10.52
N GLY B 50 -11.04 21.66 -9.33
CA GLY B 50 -11.97 22.75 -9.18
C GLY B 50 -13.32 22.30 -8.68
N GLY B 51 -14.06 23.24 -8.08
CA GLY B 51 -15.41 22.99 -7.67
C GLY B 51 -15.59 22.04 -6.49
N PRO B 52 -16.85 21.65 -6.29
CA PRO B 52 -17.21 20.79 -5.16
C PRO B 52 -16.42 19.51 -5.08
N TRP B 53 -16.07 18.93 -6.23
CA TRP B 53 -15.33 17.67 -6.19
C TRP B 53 -13.95 17.82 -5.55
N ASP B 54 -13.39 19.03 -5.51
CA ASP B 54 -12.13 19.17 -4.76
C ASP B 54 -12.28 18.80 -3.29
N SER B 55 -13.50 18.82 -2.74
CA SER B 55 -13.66 18.37 -1.35
C SER B 55 -13.70 16.85 -1.22
N VAL B 56 -13.72 16.11 -2.34
CA VAL B 56 -13.94 14.66 -2.31
C VAL B 56 -12.78 13.89 -2.89
N ALA B 57 -12.32 14.28 -4.10
CA ALA B 57 -11.28 13.52 -4.80
C ALA B 57 -10.48 14.52 -5.64
N ARG B 58 -9.14 14.41 -5.61
CA ARG B 58 -8.30 15.31 -6.40
C ARG B 58 -7.22 14.50 -7.08
N VAL B 59 -6.74 15.00 -8.22
CA VAL B 59 -5.64 14.36 -8.94
C VAL B 59 -4.32 14.86 -8.36
N LEU B 60 -3.44 13.94 -8.03
CA LEU B 60 -2.16 14.29 -7.39
C LEU B 60 -1.15 14.70 -8.46
N PRO B 61 0.01 15.24 -8.01
CA PRO B 61 1.07 15.55 -8.99
C PRO B 61 1.45 14.40 -9.90
N ASN B 62 1.48 13.18 -9.38
CA ASN B 62 1.84 12.04 -10.21
C ASN B 62 0.63 11.47 -10.99
N GLY B 63 -0.50 12.16 -10.97
CA GLY B 63 -1.62 11.68 -11.77
C GLY B 63 -2.55 10.73 -11.05
N SER B 64 -2.17 10.22 -9.90
CA SER B 64 -3.07 9.34 -9.14
C SER B 64 -4.27 10.11 -8.61
N LEU B 65 -5.39 9.39 -8.38
CA LEU B 65 -6.56 10.01 -7.77
C LEU B 65 -6.50 9.73 -6.28
N PHE B 66 -6.81 10.77 -5.48
CA PHE B 66 -6.72 10.67 -4.03
C PHE B 66 -8.06 11.05 -3.40
N LEU B 67 -8.61 10.13 -2.58
CA LEU B 67 -9.73 10.43 -1.73
C LEU B 67 -9.24 10.42 -0.29
N PRO B 68 -9.38 11.49 0.45
CA PRO B 68 -8.81 11.47 1.84
C PRO B 68 -9.54 10.59 2.82
N ALA B 69 -10.85 10.33 2.62
CA ALA B 69 -11.58 9.51 3.57
C ALA B 69 -12.77 8.92 2.81
N VAL B 70 -12.64 7.64 2.46
CA VAL B 70 -13.66 6.95 1.65
C VAL B 70 -14.96 6.83 2.44
N GLY B 71 -16.09 6.95 1.72
CA GLY B 71 -17.39 6.68 2.33
C GLY B 71 -18.17 5.66 1.52
N ILE B 72 -19.33 5.26 2.06
CA ILE B 72 -20.18 4.31 1.33
C ILE B 72 -20.46 4.79 -0.08
N GLN B 73 -20.67 6.11 -0.24
CA GLN B 73 -21.07 6.57 -1.58
CA GLN B 73 -21.07 6.58 -1.57
C GLN B 73 -19.94 6.52 -2.59
N ASP B 74 -18.72 6.13 -2.21
CA ASP B 74 -17.60 6.11 -3.18
C ASP B 74 -17.50 4.74 -3.89
N GLU B 75 -18.37 3.81 -3.51
CA GLU B 75 -18.40 2.47 -4.16
C GLU B 75 -18.77 2.66 -5.63
N GLY B 76 -18.01 2.06 -6.55
CA GLY B 76 -18.30 2.20 -7.98
C GLY B 76 -17.12 1.97 -8.90
N ILE B 77 -17.10 2.67 -10.02
CA ILE B 77 -16.08 2.45 -11.06
C ILE B 77 -15.23 3.70 -11.20
N PHE B 78 -13.92 3.49 -11.25
CA PHE B 78 -13.01 4.62 -11.41
C PHE B 78 -12.09 4.31 -12.59
N ARG B 79 -11.96 5.18 -13.56
CA ARG B 79 -11.14 4.86 -14.74
C ARG B 79 -10.20 5.99 -15.03
N CYS B 80 -9.00 5.69 -15.50
CA CYS B 80 -8.10 6.77 -15.91
C CYS B 80 -7.73 6.50 -17.35
N GLN B 81 -7.49 7.56 -18.09
CA GLN B 81 -6.96 7.42 -19.44
C GLN B 81 -5.85 8.45 -19.54
N ALA B 82 -4.63 7.98 -19.91
CA ALA B 82 -3.46 8.85 -19.97
C ALA B 82 -2.75 8.68 -21.30
N MET B 83 -2.16 9.76 -21.81
CA MET B 83 -1.15 9.73 -22.88
C MET B 83 0.23 9.95 -22.27
N ASN B 84 1.25 9.18 -22.67
CA ASN B 84 2.60 9.50 -22.22
C ASN B 84 3.32 10.45 -23.21
N ARG B 85 4.63 10.64 -23.00
CA ARG B 85 5.42 11.54 -23.84
C ARG B 85 5.44 11.09 -25.30
N ASN B 86 5.55 9.77 -25.55
CA ASN B 86 5.53 9.23 -26.92
C ASN B 86 4.14 9.26 -27.54
N GLY B 87 3.07 9.38 -26.75
CA GLY B 87 1.72 9.39 -27.27
C GLY B 87 0.99 8.07 -27.17
N LYS B 88 1.54 7.08 -26.49
CA LYS B 88 0.81 5.86 -26.19
C LYS B 88 -0.28 6.14 -25.15
N GLU B 89 -1.52 5.70 -25.44
CA GLU B 89 -2.64 5.78 -24.51
C GLU B 89 -2.69 4.55 -23.64
N THR B 90 -2.95 4.75 -22.35
CA THR B 90 -3.05 3.65 -21.40
C THR B 90 -4.31 3.87 -20.59
N LYS B 91 -5.06 2.80 -20.38
CA LYS B 91 -6.31 2.83 -19.63
C LYS B 91 -6.09 2.14 -18.31
N SER B 92 -6.74 2.65 -17.24
CA SER B 92 -6.77 1.99 -15.93
C SER B 92 -8.24 1.86 -15.55
N ASN B 93 -8.63 0.71 -15.04
CA ASN B 93 -10.04 0.45 -14.73
CA ASN B 93 -10.04 0.45 -14.73
C ASN B 93 -10.07 -0.17 -13.35
N TYR B 94 -10.75 0.47 -12.38
CA TYR B 94 -10.84 -0.02 -11.02
C TYR B 94 -12.32 -0.15 -10.63
N ARG B 95 -12.63 -1.24 -9.96
CA ARG B 95 -13.95 -1.46 -9.33
C ARG B 95 -13.72 -1.33 -7.83
N VAL B 96 -14.28 -0.27 -7.21
CA VAL B 96 -14.01 0.01 -5.80
C VAL B 96 -15.21 -0.45 -4.98
N ARG B 97 -14.94 -1.31 -4.01
CA ARG B 97 -15.95 -1.79 -3.06
C ARG B 97 -15.52 -1.35 -1.67
N VAL B 98 -16.45 -0.88 -0.82
CA VAL B 98 -16.01 -0.34 0.46
C VAL B 98 -16.49 -1.26 1.58
N TYR B 99 -15.81 -1.15 2.70
CA TYR B 99 -16.17 -2.02 3.84
C TYR B 99 -15.86 -1.35 5.17
N GLN B 100 -16.47 -1.90 6.25
CA GLN B 100 -16.04 -1.54 7.60
C GLN B 100 -16.10 -2.79 8.45
N ILE B 101 -15.17 -2.88 9.40
CA ILE B 101 -15.04 -4.04 10.28
C ILE B 101 -15.82 -3.72 11.55
N PRO B 102 -16.75 -4.59 11.98
CA PRO B 102 -17.53 -4.30 13.20
C PRO B 102 -16.66 -4.52 14.42
N GLY B 103 -17.18 -4.13 15.58
CA GLY B 103 -16.56 -4.52 16.84
C GLY B 103 -16.63 -6.01 17.02
N LYS B 104 -15.84 -6.53 17.97
CA LYS B 104 -15.88 -7.95 18.31
C LYS B 104 -17.33 -8.36 18.57
N PRO B 105 -17.79 -9.49 18.04
CA PRO B 105 -19.16 -9.91 18.36
C PRO B 105 -19.29 -10.31 19.81
N GLU B 106 -20.50 -10.20 20.34
CA GLU B 106 -20.76 -10.51 21.76
C GLU B 106 -22.01 -11.35 21.89
N ILE B 107 -22.07 -12.21 22.90
CA ILE B 107 -23.31 -12.92 23.21
C ILE B 107 -23.93 -12.24 24.42
N VAL B 108 -25.18 -11.82 24.30
CA VAL B 108 -25.95 -11.26 25.42
C VAL B 108 -27.11 -12.19 25.79
N ASP B 109 -27.54 -12.10 27.06
CA ASP B 109 -28.71 -12.83 27.55
C ASP B 109 -28.55 -14.36 27.41
N SER B 110 -27.36 -14.86 27.71
CA SER B 110 -27.12 -16.29 27.55
C SER B 110 -27.79 -17.08 28.66
N ALA B 111 -28.15 -18.32 28.34
CA ALA B 111 -28.74 -19.20 29.33
C ALA B 111 -27.64 -19.85 30.14
N SER B 112 -27.84 -19.95 31.46
CA SER B 112 -26.86 -20.68 32.24
C SER B 112 -27.25 -22.15 32.38
N GLU B 113 -28.53 -22.46 32.26
CA GLU B 113 -28.99 -23.83 32.33
C GLU B 113 -29.92 -24.08 31.14
N LEU B 114 -29.83 -25.30 30.60
CA LEU B 114 -30.72 -25.78 29.54
C LEU B 114 -31.43 -27.04 30.00
N THR B 115 -32.65 -27.24 29.54
CA THR B 115 -33.41 -28.45 29.87
C THR B 115 -33.64 -29.31 28.63
N ALA B 116 -33.28 -30.60 28.74
CA ALA B 116 -33.41 -31.53 27.62
C ALA B 116 -34.86 -31.65 27.17
N GLY B 117 -35.03 -31.89 25.86
CA GLY B 117 -36.33 -32.22 25.33
C GLY B 117 -37.33 -31.08 25.25
N VAL B 118 -36.96 -29.85 25.61
CA VAL B 118 -37.82 -28.71 25.36
C VAL B 118 -36.96 -27.63 24.70
N PRO B 119 -37.57 -26.65 24.04
CA PRO B 119 -36.79 -25.56 23.47
C PRO B 119 -36.28 -24.62 24.56
N ASN B 120 -35.02 -24.18 24.38
CA ASN B 120 -34.32 -23.29 25.28
C ASN B 120 -33.75 -22.16 24.43
N LYS B 121 -33.88 -20.92 24.89
CA LYS B 121 -33.16 -19.80 24.28
C LYS B 121 -31.72 -19.81 24.78
N VAL B 122 -30.76 -20.18 23.91
CA VAL B 122 -29.37 -20.25 24.32
C VAL B 122 -28.77 -18.86 24.54
N GLY B 123 -29.02 -17.92 23.63
CA GLY B 123 -28.43 -16.61 23.77
C GLY B 123 -28.72 -15.80 22.53
N THR B 124 -28.30 -14.53 22.57
CA THR B 124 -28.39 -13.64 21.40
C THR B 124 -27.00 -13.11 21.09
N CYS B 125 -26.57 -13.31 19.86
CA CYS B 125 -25.29 -12.81 19.39
C CYS B 125 -25.52 -11.48 18.71
N VAL B 126 -24.61 -10.51 18.92
CA VAL B 126 -24.74 -9.15 18.42
C VAL B 126 -23.41 -8.69 17.82
N SER B 127 -23.50 -8.04 16.65
CA SER B 127 -22.32 -7.48 15.98
C SER B 127 -22.69 -6.07 15.56
N GLU B 128 -21.85 -5.07 15.87
CA GLU B 128 -22.19 -3.67 15.59
C GLU B 128 -21.13 -3.04 14.72
N GLY B 129 -21.55 -2.42 13.62
CA GLY B 129 -20.72 -1.53 12.87
C GLY B 129 -20.10 -2.08 11.60
N SER B 130 -20.75 -3.02 10.92
CA SER B 130 -20.17 -3.64 9.71
C SER B 130 -20.66 -2.96 8.43
N TYR B 131 -19.86 -3.09 7.32
CA TYR B 131 -20.35 -2.75 6.00
C TYR B 131 -19.53 -3.63 5.07
N PRO B 132 -20.14 -4.36 4.12
CA PRO B 132 -21.57 -4.63 4.00
C PRO B 132 -22.06 -5.43 5.23
N ALA B 133 -23.33 -5.84 5.23
CA ALA B 133 -23.90 -6.37 6.50
C ALA B 133 -23.08 -7.51 7.06
N GLY B 134 -22.69 -8.51 6.21
CA GLY B 134 -22.09 -9.71 6.78
C GLY B 134 -23.15 -10.58 7.46
N THR B 135 -22.71 -11.65 8.09
CA THR B 135 -23.65 -12.63 8.66
C THR B 135 -23.12 -13.18 9.97
N LEU B 136 -24.06 -13.60 10.83
CA LEU B 136 -23.71 -14.23 12.11
C LEU B 136 -24.04 -15.72 12.05
N SER B 137 -23.20 -16.56 12.69
CA SER B 137 -23.48 -18.00 12.68
C SER B 137 -23.12 -18.54 14.07
N TRP B 138 -23.81 -19.63 14.45
CA TRP B 138 -23.58 -20.29 15.73
C TRP B 138 -22.79 -21.58 15.54
N HIS B 139 -21.96 -21.90 16.54
CA HIS B 139 -21.09 -23.07 16.55
C HIS B 139 -21.27 -23.81 17.87
N LEU B 140 -21.26 -25.14 17.80
CA LEU B 140 -21.33 -26.02 18.97
C LEU B 140 -20.03 -26.82 18.99
N ASP B 141 -19.24 -26.64 20.05
CA ASP B 141 -18.00 -27.37 20.22
C ASP B 141 -17.11 -27.19 18.99
N GLY B 142 -17.12 -25.99 18.42
CA GLY B 142 -16.29 -25.63 17.29
C GLY B 142 -16.89 -25.86 15.92
N LYS B 143 -17.92 -26.62 15.84
CA LYS B 143 -18.57 -27.14 14.64
C LYS B 143 -19.78 -26.27 14.32
N PRO B 144 -19.97 -25.84 13.08
CA PRO B 144 -21.13 -24.99 12.76
C PRO B 144 -22.45 -25.69 13.06
N LEU B 145 -23.43 -24.91 13.55
CA LEU B 145 -24.78 -25.39 13.80
C LEU B 145 -25.62 -25.05 12.59
N VAL B 146 -26.38 -25.99 12.07
CA VAL B 146 -27.22 -25.76 10.89
C VAL B 146 -28.67 -25.57 11.37
N PRO B 147 -29.30 -24.44 11.07
CA PRO B 147 -30.65 -24.19 11.59
C PRO B 147 -31.66 -25.12 10.94
N ASN B 148 -32.75 -25.32 11.68
CA ASN B 148 -33.89 -26.16 11.32
C ASN B 148 -33.54 -27.65 11.25
N GLU B 149 -32.47 -28.07 11.92
CA GLU B 149 -32.01 -29.45 11.93
C GLU B 149 -31.46 -29.75 13.32
N LYS B 150 -31.81 -30.93 13.85
CA LYS B 150 -31.34 -31.38 15.17
C LYS B 150 -31.87 -30.49 16.31
N GLY B 151 -33.14 -30.08 16.20
CA GLY B 151 -33.75 -29.22 17.21
C GLY B 151 -33.11 -27.85 17.36
N VAL B 152 -32.57 -27.30 16.28
CA VAL B 152 -31.95 -25.99 16.31
C VAL B 152 -32.83 -25.00 15.55
N SER B 153 -33.01 -23.80 16.08
CA SER B 153 -33.69 -22.77 15.31
C SER B 153 -33.05 -21.44 15.59
N VAL B 154 -33.02 -20.56 14.58
CA VAL B 154 -32.35 -19.27 14.69
C VAL B 154 -33.31 -18.22 14.17
N LYS B 155 -33.34 -17.05 14.81
CA LYS B 155 -34.00 -15.87 14.26
C LYS B 155 -33.01 -14.72 14.16
N GLU B 156 -33.19 -13.84 13.18
CA GLU B 156 -32.17 -12.83 12.95
C GLU B 156 -32.82 -11.47 12.72
N GLN B 157 -32.03 -10.42 12.99
CA GLN B 157 -32.49 -9.05 12.87
C GLN B 157 -31.36 -8.17 12.37
N THR B 158 -31.68 -7.19 11.51
CA THR B 158 -30.66 -6.28 10.92
C THR B 158 -31.16 -4.86 11.15
N ARG B 159 -30.23 -3.97 11.62
CA ARG B 159 -30.69 -2.60 11.57
C ARG B 159 -29.55 -1.76 11.05
N ARG B 160 -29.74 -0.55 10.75
CA ARG B 160 -28.65 0.32 10.28
C ARG B 160 -28.56 1.57 11.12
N HIS B 161 -27.32 2.07 11.33
CA HIS B 161 -27.17 3.31 12.06
C HIS B 161 -27.71 4.45 11.22
N PRO B 162 -28.55 5.32 11.80
CA PRO B 162 -29.27 6.31 10.97
C PRO B 162 -28.38 7.35 10.34
N GLU B 163 -27.16 7.55 10.85
CA GLU B 163 -26.25 8.52 10.26
C GLU B 163 -25.11 7.87 9.49
N THR B 164 -24.53 6.78 9.98
CA THR B 164 -23.37 6.19 9.29
C THR B 164 -23.73 5.12 8.30
N GLY B 165 -24.95 4.55 8.39
CA GLY B 165 -25.31 3.48 7.47
C GLY B 165 -24.72 2.14 7.81
N LEU B 166 -23.93 2.04 8.88
CA LEU B 166 -23.30 0.77 9.20
C LEU B 166 -24.33 -0.19 9.83
N PHE B 167 -24.11 -1.50 9.63
CA PHE B 167 -25.07 -2.53 10.09
C PHE B 167 -24.82 -3.02 11.51
N THR B 168 -25.93 -3.26 12.23
CA THR B 168 -25.89 -4.04 13.47
C THR B 168 -26.73 -5.29 13.22
N LEU B 169 -26.17 -6.47 13.59
CA LEU B 169 -26.86 -7.74 13.38
C LEU B 169 -27.14 -8.37 14.74
N GLN B 170 -28.27 -9.08 14.83
CA GLN B 170 -28.60 -9.84 16.05
C GLN B 170 -29.05 -11.21 15.61
N SER B 171 -28.66 -12.26 16.36
CA SER B 171 -29.02 -13.62 15.98
C SER B 171 -29.35 -14.37 17.26
N GLU B 172 -30.56 -14.87 17.38
CA GLU B 172 -31.01 -15.54 18.60
C GLU B 172 -31.06 -17.03 18.32
N LEU B 173 -30.41 -17.83 19.17
CA LEU B 173 -30.35 -19.28 18.99
C LEU B 173 -31.26 -19.96 19.98
N MET B 174 -32.11 -20.86 19.51
CA MET B 174 -32.86 -21.78 20.37
C MET B 174 -32.47 -23.20 20.04
N VAL B 175 -32.33 -24.04 21.07
CA VAL B 175 -32.00 -25.44 20.87
C VAL B 175 -32.92 -26.29 21.73
N THR B 176 -33.34 -27.40 21.16
CA THR B 176 -34.06 -28.42 21.93
C THR B 176 -33.08 -29.55 22.15
N PRO B 177 -32.43 -29.63 23.31
CA PRO B 177 -31.37 -30.63 23.51
C PRO B 177 -31.97 -32.03 23.54
N ALA B 178 -31.25 -32.96 22.93
CA ALA B 178 -31.68 -34.35 22.92
C ALA B 178 -31.20 -35.03 24.19
N ARG B 179 -32.06 -35.88 24.76
CA ARG B 179 -31.66 -36.64 25.93
C ARG B 179 -30.40 -37.45 25.64
N GLY B 180 -29.48 -37.47 26.60
CA GLY B 180 -28.27 -38.26 26.47
C GLY B 180 -27.05 -37.54 25.93
N GLY B 181 -27.11 -36.21 25.77
CA GLY B 181 -26.01 -35.48 25.19
C GLY B 181 -25.03 -34.98 26.23
N ASP B 182 -23.99 -34.29 25.74
CA ASP B 182 -22.99 -33.74 26.64
C ASP B 182 -23.63 -32.74 27.58
N PRO B 183 -23.47 -32.90 28.89
CA PRO B 183 -24.12 -31.97 29.81
C PRO B 183 -23.47 -30.59 29.87
N ARG B 184 -22.32 -30.39 29.24
CA ARG B 184 -21.61 -29.10 29.29
C ARG B 184 -21.16 -28.65 27.90
N PRO B 185 -22.11 -28.45 26.98
CA PRO B 185 -21.75 -28.07 25.60
C PRO B 185 -21.17 -26.66 25.56
N THR B 186 -20.40 -26.39 24.52
CA THR B 186 -19.77 -25.09 24.36
C THR B 186 -20.34 -24.45 23.10
N PHE B 187 -21.02 -23.31 23.26
CA PHE B 187 -21.56 -22.56 22.14
C PHE B 187 -20.72 -21.32 21.87
N SER B 188 -20.68 -20.91 20.60
CA SER B 188 -20.06 -19.64 20.31
C SER B 188 -20.72 -19.09 19.05
N CYS B 189 -20.47 -17.82 18.79
CA CYS B 189 -21.01 -17.12 17.62
C CYS B 189 -19.87 -16.49 16.85
N SER B 190 -19.95 -16.49 15.51
CA SER B 190 -18.95 -15.84 14.68
C SER B 190 -19.61 -14.86 13.71
N PHE B 191 -18.92 -13.75 13.43
CA PHE B 191 -19.27 -12.81 12.36
C PHE B 191 -18.40 -13.10 11.13
N SER B 192 -19.02 -13.31 9.97
CA SER B 192 -18.37 -13.48 8.68
C SER B 192 -18.63 -12.26 7.82
N PRO B 193 -17.57 -11.53 7.43
CA PRO B 193 -17.75 -10.35 6.59
C PRO B 193 -18.35 -10.68 5.23
N GLY B 194 -19.01 -9.67 4.66
CA GLY B 194 -19.47 -9.79 3.28
C GLY B 194 -18.34 -9.85 2.25
N LEU B 195 -17.17 -9.24 2.54
CA LEU B 195 -16.23 -9.27 1.42
C LEU B 195 -15.25 -10.48 1.50
N PRO B 196 -14.74 -10.99 0.37
CA PRO B 196 -13.85 -12.17 0.42
C PRO B 196 -12.46 -11.90 1.00
N ARG B 197 -11.87 -12.96 1.58
CA ARG B 197 -10.54 -13.00 2.23
C ARG B 197 -10.44 -12.19 3.51
N HIS B 198 -11.54 -11.67 4.03
CA HIS B 198 -11.51 -11.00 5.32
C HIS B 198 -11.76 -12.06 6.42
N ARG B 199 -11.11 -11.88 7.56
CA ARG B 199 -11.15 -12.89 8.62
C ARG B 199 -12.50 -12.86 9.35
N ALA B 200 -12.96 -14.04 9.76
CA ALA B 200 -14.11 -14.07 10.68
C ALA B 200 -13.70 -13.58 12.08
N LEU B 201 -14.70 -13.11 12.82
CA LEU B 201 -14.52 -12.67 14.20
C LEU B 201 -15.37 -13.60 15.06
N ARG B 202 -14.91 -13.97 16.25
CA ARG B 202 -15.71 -14.91 17.02
C ARG B 202 -15.81 -14.45 18.47
N THR B 203 -16.92 -14.86 19.14
CA THR B 203 -17.18 -14.49 20.52
C THR B 203 -16.42 -15.39 21.46
N ALA B 204 -16.33 -14.95 22.73
CA ALA B 204 -15.98 -15.89 23.78
C ALA B 204 -17.05 -16.99 23.83
N PRO B 205 -16.68 -18.20 24.25
CA PRO B 205 -17.67 -19.29 24.35
C PRO B 205 -18.58 -19.14 25.56
N ILE B 206 -19.72 -19.83 25.49
CA ILE B 206 -20.58 -20.05 26.65
C ILE B 206 -20.78 -21.53 26.87
N GLN B 207 -20.85 -21.94 28.14
CA GLN B 207 -20.91 -23.35 28.48
C GLN B 207 -22.06 -23.55 29.44
N PRO B 208 -23.29 -23.60 28.93
CA PRO B 208 -24.43 -23.83 29.83
C PRO B 208 -24.44 -25.26 30.35
N ARG B 209 -25.25 -25.48 31.40
CA ARG B 209 -25.42 -26.81 32.00
C ARG B 209 -26.71 -27.37 31.42
N VAL B 210 -26.68 -28.61 30.90
CA VAL B 210 -27.91 -29.25 30.46
C VAL B 210 -28.42 -30.22 31.51
N TRP B 211 -29.68 -30.06 31.89
CA TRP B 211 -30.36 -30.96 32.83
C TRP B 211 -31.13 -31.99 32.03
N GLU B 212 -30.85 -33.27 32.28
CA GLU B 212 -31.64 -34.36 31.68
C GLU B 212 -32.98 -34.56 32.41
#